data_8ZWZ
#
_entry.id   8ZWZ
#
_cell.length_a   85.284
_cell.length_b   85.284
_cell.length_c   106.137
_cell.angle_alpha   90.00
_cell.angle_beta   90.00
_cell.angle_gamma   120.00
#
_symmetry.space_group_name_H-M   'P 32 2 1'
#
_entity_poly.entity_id   1
_entity_poly.type   'polypeptide(L)'
_entity_poly.pdbx_seq_one_letter_code
;YFQGHMMIHAPRRWVERHKQVQVLPQNAVEKLISMNELIELVIECGLCDKTSIKKMYDKINTYQFMWCIVDTIPASQYAE
EIFKSSLHFLCALFLVDDAVESYSANEMQDLSRSYDILEKEVCKTFPNFPSINEMKESLMHLRNPFDRSSITFCMQYVNK
ITAILLEEGNTPHHVVYNLRRRTSNAISIAFQAVLIKSKCGSIITSHEMLWRRVFDGLVILFYQFGELISGATETAQQHI
TVVTELRMLGCLYCIVINDLYSYQRDKLASSDNMIKTWLLEKTVSSLSEATARCSQILDAIMKYMYQRVEQCMQSNPGCP
QLESLLETTIYTTVGWIRSHTTVVPRYSESQLKVALVEVEERELPKWLAEKDEYGWNVVEKFVETLNDEKHKGILDALQG
IADGRDQLLKTQ
;
_entity_poly.pdbx_strand_id   A
#
# COMPACT_ATOMS: atom_id res chain seq x y z
N TYR A 1 19.86 17.91 -13.73
CA TYR A 1 20.67 16.84 -13.16
C TYR A 1 21.99 17.33 -12.59
N PHE A 2 22.23 17.03 -11.30
CA PHE A 2 23.51 17.33 -10.67
C PHE A 2 23.86 16.21 -9.69
N GLN A 3 24.58 16.52 -8.61
CA GLN A 3 24.94 15.48 -7.65
C GLN A 3 23.80 15.12 -6.70
N GLY A 4 22.76 15.95 -6.62
CA GLY A 4 21.52 15.55 -5.98
C GLY A 4 20.56 15.08 -7.05
N HIS A 5 20.87 13.94 -7.66
CA HIS A 5 20.32 13.55 -8.95
C HIS A 5 19.08 12.67 -8.86
N MET A 6 18.43 12.59 -7.71
CA MET A 6 17.02 12.16 -7.69
C MET A 6 16.16 13.42 -7.85
N MET A 7 16.00 13.84 -9.11
CA MET A 7 15.10 14.94 -9.44
C MET A 7 13.81 14.35 -9.98
N ILE A 8 12.72 14.54 -9.24
CA ILE A 8 11.40 14.12 -9.68
C ILE A 8 10.56 15.36 -9.91
N HIS A 9 9.30 15.17 -10.31
CA HIS A 9 8.41 16.28 -10.58
C HIS A 9 7.02 15.94 -10.07
N ALA A 10 6.32 16.95 -9.55
CA ALA A 10 4.97 16.80 -9.08
C ALA A 10 4.29 18.16 -9.14
N PRO A 11 3.02 18.23 -9.54
CA PRO A 11 2.33 19.51 -9.62
C PRO A 11 2.39 20.27 -8.30
N ARG A 12 2.43 21.60 -8.42
CA ARG A 12 2.48 22.46 -7.24
C ARG A 12 1.26 22.27 -6.34
N ARG A 13 0.07 22.17 -6.94
CA ARG A 13 -1.13 22.03 -6.13
C ARG A 13 -1.18 20.68 -5.43
N TRP A 14 -0.51 19.67 -5.99
CA TRP A 14 -0.41 18.38 -5.32
C TRP A 14 0.49 18.44 -4.10
N VAL A 15 1.63 19.15 -4.22
CA VAL A 15 2.64 19.12 -3.18
C VAL A 15 2.45 20.19 -2.10
N GLU A 16 1.69 21.24 -2.39
CA GLU A 16 1.45 22.25 -1.35
C GLU A 16 0.63 21.70 -0.20
N ARG A 17 -0.05 20.57 -0.39
CA ARG A 17 -0.77 19.94 0.71
C ARG A 17 0.12 19.11 1.63
N HIS A 18 1.36 18.85 1.24
CA HIS A 18 2.29 18.12 2.10
C HIS A 18 3.20 19.07 2.88
N LYS A 19 3.17 20.37 2.57
CA LYS A 19 3.85 21.40 3.35
C LYS A 19 3.11 21.72 4.64
N GLN A 20 2.09 20.93 4.95
CA GLN A 20 1.05 21.20 5.93
C GLN A 20 1.28 20.41 7.20
N VAL A 21 0.98 21.03 8.33
CA VAL A 21 1.12 20.41 9.63
C VAL A 21 -0.25 19.99 10.14
N GLN A 22 -0.27 19.02 11.04
CA GLN A 22 -1.52 18.49 11.60
C GLN A 22 -2.01 19.42 12.70
N VAL A 23 -3.01 20.25 12.37
CA VAL A 23 -3.67 21.09 13.35
C VAL A 23 -4.57 20.21 14.22
N LEU A 24 -4.05 19.80 15.37
CA LEU A 24 -4.78 18.86 16.19
C LEU A 24 -4.27 18.89 17.62
N PRO A 25 -5.15 18.99 18.62
CA PRO A 25 -4.69 19.02 20.01
C PRO A 25 -4.20 17.66 20.45
N GLN A 26 -3.65 17.63 21.68
CA GLN A 26 -3.01 16.42 22.20
C GLN A 26 -3.99 15.44 22.79
N ASN A 27 -5.20 15.89 23.16
CA ASN A 27 -6.25 14.94 23.47
C ASN A 27 -6.49 14.03 22.27
N ALA A 28 -6.53 14.62 21.07
CA ALA A 28 -6.87 13.91 19.84
C ALA A 28 -5.68 13.19 19.19
N VAL A 29 -4.44 13.51 19.58
CA VAL A 29 -3.32 12.69 19.11
C VAL A 29 -3.19 11.43 19.96
N GLU A 30 -3.67 11.45 21.20
CA GLU A 30 -3.62 10.27 22.05
C GLU A 30 -4.90 9.45 21.93
N LYS A 31 -6.01 10.09 21.57
CA LYS A 31 -7.16 9.34 21.06
C LYS A 31 -6.73 8.47 19.89
N LEU A 32 -6.01 9.05 18.94
CA LEU A 32 -5.64 8.32 17.73
C LEU A 32 -4.48 7.37 17.97
N ILE A 33 -3.46 7.80 18.72
CA ILE A 33 -2.37 6.92 19.14
C ILE A 33 -2.80 6.31 20.47
N SER A 34 -3.56 5.23 20.41
CA SER A 34 -3.94 4.50 21.62
C SER A 34 -2.87 3.44 21.86
N MET A 35 -1.76 3.90 22.46
CA MET A 35 -0.61 3.02 22.64
C MET A 35 -0.93 1.90 23.62
N ASN A 36 -1.71 2.20 24.66
CA ASN A 36 -2.11 1.16 25.61
C ASN A 36 -2.96 0.10 24.91
N GLU A 37 -3.84 0.53 24.00
CA GLU A 37 -4.67 -0.41 23.26
C GLU A 37 -3.82 -1.26 22.32
N LEU A 38 -2.76 -0.67 21.75
CA LEU A 38 -1.85 -1.45 20.92
C LEU A 38 -1.12 -2.50 21.73
N ILE A 39 -0.66 -2.11 22.93
CA ILE A 39 0.00 -3.05 23.84
C ILE A 39 -0.94 -4.21 24.15
N GLU A 40 -2.15 -3.89 24.61
CA GLU A 40 -3.11 -4.93 24.98
C GLU A 40 -3.49 -5.79 23.78
N LEU A 41 -3.49 -5.21 22.58
CA LEU A 41 -3.86 -5.96 21.40
C LEU A 41 -2.77 -6.94 21.00
N VAL A 42 -1.51 -6.52 21.04
CA VAL A 42 -0.43 -7.40 20.62
C VAL A 42 -0.08 -8.43 21.69
N ILE A 43 -0.42 -8.18 22.97
CA ILE A 43 -0.27 -9.21 23.99
C ILE A 43 -1.54 -10.03 24.20
N GLU A 44 -2.67 -9.62 23.60
CA GLU A 44 -3.84 -10.48 23.56
C GLU A 44 -3.74 -11.46 22.41
N CYS A 45 -3.16 -11.02 21.29
CA CYS A 45 -2.65 -11.92 20.27
C CYS A 45 -1.31 -12.47 20.74
N GLY A 46 -0.71 -13.35 19.94
CA GLY A 46 0.58 -13.91 20.25
C GLY A 46 1.76 -13.24 19.56
N LEU A 47 1.57 -12.04 19.02
CA LEU A 47 2.59 -11.39 18.19
C LEU A 47 3.88 -11.13 18.96
N CYS A 48 3.91 -10.09 19.79
CA CYS A 48 5.13 -9.65 20.42
C CYS A 48 4.80 -9.00 21.76
N ASP A 49 5.79 -8.37 22.36
CA ASP A 49 5.65 -7.74 23.67
C ASP A 49 5.68 -6.23 23.53
N LYS A 50 5.66 -5.54 24.67
CA LYS A 50 5.59 -4.07 24.67
C LYS A 50 6.84 -3.46 24.05
N THR A 51 8.01 -4.02 24.37
CA THR A 51 9.27 -3.51 23.85
C THR A 51 9.30 -3.56 22.32
N SER A 52 8.77 -4.64 21.73
CA SER A 52 8.85 -4.78 20.28
C SER A 52 7.99 -3.74 19.56
N ILE A 53 6.75 -3.55 20.01
CA ILE A 53 5.91 -2.55 19.35
C ILE A 53 6.44 -1.14 19.61
N LYS A 54 7.02 -0.89 20.80
CA LYS A 54 7.58 0.45 21.03
C LYS A 54 8.80 0.70 20.16
N LYS A 55 9.61 -0.33 19.91
CA LYS A 55 10.75 -0.19 19.02
C LYS A 55 10.29 0.04 17.58
N MET A 56 9.28 -0.71 17.14
CA MET A 56 8.73 -0.49 15.80
C MET A 56 8.13 0.91 15.67
N TYR A 57 7.51 1.41 16.74
CA TYR A 57 6.90 2.73 16.69
C TYR A 57 7.96 3.82 16.62
N ASP A 58 9.06 3.65 17.36
CA ASP A 58 10.16 4.60 17.27
C ASP A 58 10.82 4.56 15.90
N LYS A 59 10.97 3.35 15.34
CA LYS A 59 11.61 3.22 14.04
C LYS A 59 10.77 3.87 12.94
N ILE A 60 9.50 3.46 12.84
CA ILE A 60 8.70 3.84 11.68
C ILE A 60 8.10 5.24 11.82
N ASN A 61 7.95 5.75 13.05
CA ASN A 61 7.26 7.01 13.30
C ASN A 61 5.85 6.96 12.69
N THR A 62 5.09 5.95 13.13
CA THR A 62 3.89 5.53 12.41
C THR A 62 2.85 6.65 12.33
N TYR A 63 2.86 7.59 13.27
CA TYR A 63 1.88 8.67 13.25
C TYR A 63 2.12 9.63 12.09
N GLN A 64 3.34 10.14 11.97
CA GLN A 64 3.61 11.05 10.87
C GLN A 64 3.58 10.32 9.54
N PHE A 65 3.98 9.04 9.54
CA PHE A 65 3.81 8.18 8.37
C PHE A 65 2.34 8.11 7.96
N MET A 66 1.44 7.96 8.94
CA MET A 66 0.01 7.98 8.66
C MET A 66 -0.42 9.32 8.07
N TRP A 67 0.10 10.41 8.61
CA TRP A 67 -0.23 11.71 8.05
C TRP A 67 0.37 11.93 6.67
N CYS A 68 1.30 11.08 6.24
CA CYS A 68 1.66 11.01 4.83
C CYS A 68 0.72 10.12 4.03
N ILE A 69 -0.19 9.41 4.70
CA ILE A 69 -1.01 8.38 4.08
C ILE A 69 -2.51 8.66 4.18
N VAL A 70 -2.91 9.62 5.01
CA VAL A 70 -4.26 10.17 4.94
C VAL A 70 -4.15 11.69 4.90
N ASP A 71 -5.11 12.32 4.23
CA ASP A 71 -5.19 13.77 4.16
C ASP A 71 -6.44 14.33 4.80
N THR A 72 -7.31 13.49 5.36
CA THR A 72 -8.61 13.90 5.88
C THR A 72 -8.62 13.71 7.39
N ILE A 73 -8.76 14.82 8.12
CA ILE A 73 -8.83 14.76 9.58
C ILE A 73 -10.12 14.06 9.99
N PRO A 74 -10.10 13.21 11.01
CA PRO A 74 -11.34 12.56 11.46
C PRO A 74 -12.44 13.57 11.77
N ALA A 75 -13.65 13.26 11.32
CA ALA A 75 -14.79 14.14 11.52
C ALA A 75 -15.82 13.55 12.47
N SER A 76 -15.60 12.33 12.95
CA SER A 76 -16.49 11.71 13.91
C SER A 76 -15.72 10.64 14.67
N GLN A 77 -16.38 10.06 15.67
CA GLN A 77 -15.73 9.06 16.51
C GLN A 77 -15.36 7.82 15.70
N TYR A 78 -16.21 7.44 14.74
CA TYR A 78 -15.92 6.29 13.91
C TYR A 78 -14.65 6.52 13.08
N ALA A 79 -14.45 7.73 12.58
CA ALA A 79 -13.21 8.03 11.86
C ALA A 79 -12.00 7.94 12.78
N GLU A 80 -12.16 8.37 14.04
CA GLU A 80 -11.07 8.21 15.01
C GLU A 80 -10.73 6.75 15.21
N GLU A 81 -11.75 5.89 15.35
CA GLU A 81 -11.49 4.47 15.53
C GLU A 81 -10.83 3.87 14.28
N ILE A 82 -11.24 4.33 13.10
CA ILE A 82 -10.64 3.84 11.86
C ILE A 82 -9.17 4.20 11.80
N PHE A 83 -8.84 5.46 12.08
CA PHE A 83 -7.45 5.89 12.08
C PHE A 83 -6.64 5.12 13.11
N LYS A 84 -7.20 4.91 14.31
CA LYS A 84 -6.50 4.16 15.34
C LYS A 84 -6.16 2.75 14.87
N SER A 85 -7.17 2.01 14.39
CA SER A 85 -6.92 0.65 13.93
C SER A 85 -5.97 0.61 12.75
N SER A 86 -6.03 1.60 11.86
CA SER A 86 -5.12 1.63 10.71
C SER A 86 -3.68 1.85 11.16
N LEU A 87 -3.47 2.76 12.11
CA LEU A 87 -2.14 2.98 12.67
C LEU A 87 -1.59 1.69 13.26
N HIS A 88 -2.41 1.03 14.10
CA HIS A 88 -2.00 -0.23 14.72
C HIS A 88 -1.62 -1.27 13.67
N PHE A 89 -2.49 -1.43 12.66
CA PHE A 89 -2.26 -2.41 11.60
C PHE A 89 -0.96 -2.12 10.86
N LEU A 90 -0.73 -0.86 10.49
CA LEU A 90 0.52 -0.49 9.84
C LEU A 90 1.72 -0.92 10.67
N CYS A 91 1.73 -0.49 11.94
CA CYS A 91 2.88 -0.73 12.81
C CYS A 91 3.18 -2.22 12.95
N ALA A 92 2.14 -3.04 13.14
CA ALA A 92 2.42 -4.47 13.34
C ALA A 92 2.62 -5.21 12.02
N LEU A 93 2.05 -4.70 10.92
CA LEU A 93 2.29 -5.30 9.62
C LEU A 93 3.76 -5.21 9.24
N PHE A 94 4.42 -4.09 9.57
CA PHE A 94 5.85 -4.02 9.30
C PHE A 94 6.64 -5.04 10.13
N LEU A 95 6.23 -5.29 11.38
CA LEU A 95 6.90 -6.31 12.19
C LEU A 95 6.71 -7.70 11.61
N VAL A 96 5.52 -7.99 11.05
CA VAL A 96 5.30 -9.27 10.41
C VAL A 96 6.16 -9.39 9.15
N ASP A 97 6.31 -8.30 8.41
CA ASP A 97 7.16 -8.30 7.21
C ASP A 97 8.62 -8.52 7.55
N ASP A 98 9.08 -7.98 8.70
CA ASP A 98 10.46 -8.20 9.08
C ASP A 98 10.77 -9.67 9.31
N ALA A 99 9.77 -10.46 9.70
CA ALA A 99 10.00 -11.88 9.96
C ALA A 99 9.69 -12.76 8.75
N VAL A 100 8.66 -12.44 7.97
CA VAL A 100 8.26 -13.29 6.85
C VAL A 100 9.21 -13.22 5.67
N GLU A 101 10.16 -12.27 5.67
CA GLU A 101 11.09 -12.14 4.56
C GLU A 101 12.09 -13.29 4.47
N SER A 102 12.21 -14.11 5.51
CA SER A 102 13.08 -15.27 5.53
C SER A 102 12.30 -16.53 5.85
N TYR A 103 11.17 -16.71 5.19
CA TYR A 103 10.31 -17.86 5.43
C TYR A 103 10.53 -18.88 4.35
N SER A 104 10.71 -20.14 4.74
CA SER A 104 10.86 -21.22 3.78
C SER A 104 9.54 -21.42 3.02
N ALA A 105 9.63 -22.16 1.91
CA ALA A 105 8.46 -22.36 1.07
C ALA A 105 7.34 -23.09 1.80
N ASN A 106 7.70 -24.07 2.63
CA ASN A 106 6.69 -24.82 3.36
C ASN A 106 6.00 -23.94 4.40
N GLU A 107 6.77 -23.10 5.08
CA GLU A 107 6.23 -22.25 6.12
C GLU A 107 5.26 -21.24 5.54
N MET A 108 5.65 -20.58 4.44
CA MET A 108 4.75 -19.67 3.75
C MET A 108 3.54 -20.40 3.18
N GLN A 109 3.75 -21.61 2.66
CA GLN A 109 2.64 -22.40 2.14
C GLN A 109 1.58 -22.60 3.22
N ASP A 110 2.01 -23.04 4.41
CA ASP A 110 1.08 -23.24 5.50
C ASP A 110 0.42 -21.93 5.91
N LEU A 111 1.20 -20.85 6.00
CA LEU A 111 0.66 -19.54 6.38
C LEU A 111 -0.46 -19.10 5.44
N SER A 112 -0.19 -19.10 4.14
CA SER A 112 -1.18 -18.64 3.17
C SER A 112 -2.37 -19.58 3.08
N ARG A 113 -2.14 -20.89 3.23
CA ARG A 113 -3.24 -21.84 3.28
C ARG A 113 -4.18 -21.54 4.43
N SER A 114 -3.61 -21.28 5.61
CA SER A 114 -4.42 -20.99 6.78
C SER A 114 -5.20 -19.69 6.61
N TYR A 115 -4.57 -18.67 6.04
CA TYR A 115 -5.30 -17.44 5.77
C TYR A 115 -6.46 -17.69 4.80
N ASP A 116 -6.20 -18.43 3.72
CA ASP A 116 -7.24 -18.64 2.71
C ASP A 116 -8.41 -19.42 3.27
N ILE A 117 -8.14 -20.40 4.14
CA ILE A 117 -9.24 -21.18 4.71
C ILE A 117 -10.01 -20.35 5.75
N LEU A 118 -9.29 -19.57 6.56
CA LEU A 118 -9.97 -18.83 7.63
C LEU A 118 -10.83 -17.71 7.07
N GLU A 119 -10.35 -17.05 6.01
CA GLU A 119 -11.15 -16.02 5.35
C GLU A 119 -12.49 -16.58 4.90
N LYS A 120 -12.46 -17.73 4.22
CA LYS A 120 -13.68 -18.36 3.72
C LYS A 120 -14.53 -18.93 4.84
N GLU A 121 -13.94 -19.25 6.00
CA GLU A 121 -14.75 -19.66 7.14
C GLU A 121 -15.51 -18.47 7.72
N VAL A 122 -14.84 -17.32 7.90
CA VAL A 122 -15.46 -16.19 8.57
C VAL A 122 -16.19 -15.26 7.60
N CYS A 123 -16.19 -15.56 6.31
CA CYS A 123 -16.95 -14.75 5.37
C CYS A 123 -18.44 -15.11 5.37
N LYS A 124 -18.80 -16.29 5.91
CA LYS A 124 -20.19 -16.72 5.94
C LYS A 124 -20.86 -16.46 7.29
N THR A 125 -20.13 -15.99 8.29
CA THR A 125 -20.70 -15.55 9.55
C THR A 125 -21.10 -14.07 9.52
N PHE A 126 -20.74 -13.35 8.45
CA PHE A 126 -21.05 -11.94 8.21
C PHE A 126 -22.51 -11.67 8.49
N PRO A 127 -22.85 -10.55 9.17
CA PRO A 127 -21.95 -9.50 9.69
C PRO A 127 -21.29 -9.87 11.02
N ASN A 128 -21.59 -11.03 11.58
CA ASN A 128 -20.98 -11.43 12.84
C ASN A 128 -19.59 -12.02 12.61
N PHE A 129 -18.74 -11.90 13.63
CA PHE A 129 -17.35 -12.29 13.52
C PHE A 129 -16.89 -12.88 14.85
N PRO A 130 -15.92 -13.80 14.81
CA PRO A 130 -15.37 -14.34 16.06
C PRO A 130 -14.38 -13.38 16.70
N SER A 131 -14.22 -13.54 18.02
CA SER A 131 -13.25 -12.75 18.76
C SER A 131 -11.84 -13.32 18.54
N ILE A 132 -10.86 -12.70 19.19
CA ILE A 132 -9.47 -13.07 18.95
C ILE A 132 -9.17 -14.48 19.45
N ASN A 133 -9.64 -14.81 20.65
CA ASN A 133 -9.42 -16.15 21.18
C ASN A 133 -10.29 -17.18 20.47
N GLU A 134 -11.48 -16.78 20.03
CA GLU A 134 -12.29 -17.68 19.22
C GLU A 134 -11.66 -17.93 17.85
N MET A 135 -10.91 -16.95 17.35
CA MET A 135 -10.26 -17.06 16.05
C MET A 135 -8.93 -17.79 16.12
N LYS A 136 -8.39 -17.99 17.33
CA LYS A 136 -7.23 -18.85 17.50
C LYS A 136 -7.58 -20.33 17.39
N GLU A 137 -8.86 -20.67 17.58
CA GLU A 137 -9.27 -22.07 17.69
C GLU A 137 -8.99 -22.84 16.40
N SER A 138 -9.35 -22.27 15.25
CA SER A 138 -9.10 -22.92 13.98
C SER A 138 -7.64 -22.94 13.60
N LEU A 139 -6.79 -22.15 14.26
CA LEU A 139 -5.37 -22.06 13.96
C LEU A 139 -4.51 -22.79 14.97
N MET A 140 -5.14 -23.52 15.90
CA MET A 140 -4.40 -24.21 16.96
C MET A 140 -3.51 -25.31 16.42
N HIS A 141 -3.78 -25.79 15.21
CA HIS A 141 -3.05 -26.92 14.64
C HIS A 141 -1.73 -26.51 14.01
N LEU A 142 -1.37 -25.24 14.03
CA LEU A 142 -0.14 -24.78 13.43
C LEU A 142 1.04 -24.98 14.36
N ARG A 143 2.22 -25.20 13.76
CA ARG A 143 3.42 -25.48 14.52
C ARG A 143 4.23 -24.24 14.85
N ASN A 144 3.86 -23.09 14.30
CA ASN A 144 4.54 -21.82 14.59
C ASN A 144 3.51 -20.84 15.14
N PRO A 145 3.58 -20.48 16.43
CA PRO A 145 2.61 -19.52 16.97
C PRO A 145 2.65 -18.17 16.29
N PHE A 146 3.76 -17.80 15.65
CA PHE A 146 3.85 -16.49 15.00
C PHE A 146 2.91 -16.41 13.81
N ASP A 147 2.78 -17.50 13.05
CA ASP A 147 1.84 -17.52 11.93
C ASP A 147 0.40 -17.36 12.43
N ARG A 148 0.06 -18.09 13.49
CA ARG A 148 -1.26 -17.99 14.10
C ARG A 148 -1.55 -16.55 14.52
N SER A 149 -0.60 -15.92 15.22
CA SER A 149 -0.79 -14.55 15.68
C SER A 149 -0.92 -13.58 14.50
N SER A 150 -0.09 -13.75 13.47
CA SER A 150 -0.18 -12.87 12.31
C SER A 150 -1.54 -12.98 11.64
N ILE A 151 -2.02 -14.20 11.43
CA ILE A 151 -3.32 -14.40 10.80
C ILE A 151 -4.42 -13.78 11.64
N THR A 152 -4.38 -14.00 12.96
CA THR A 152 -5.40 -13.44 13.84
C THR A 152 -5.39 -11.92 13.80
N PHE A 153 -4.20 -11.32 13.78
CA PHE A 153 -4.11 -9.86 13.76
C PHE A 153 -4.67 -9.29 12.46
N CYS A 154 -4.27 -9.87 11.32
CA CYS A 154 -4.75 -9.37 10.04
C CYS A 154 -6.27 -9.49 9.93
N MET A 155 -6.81 -10.65 10.32
CA MET A 155 -8.26 -10.83 10.23
C MET A 155 -8.98 -9.97 11.26
N GLN A 156 -8.31 -9.66 12.37
CA GLN A 156 -8.87 -8.71 13.34
C GLN A 156 -9.06 -7.33 12.73
N TYR A 157 -8.03 -6.83 12.03
CA TYR A 157 -8.20 -5.56 11.31
C TYR A 157 -9.33 -5.66 10.29
N VAL A 158 -9.34 -6.74 9.51
CA VAL A 158 -10.33 -6.92 8.45
C VAL A 158 -11.74 -6.87 9.03
N ASN A 159 -11.95 -7.51 10.18
CA ASN A 159 -13.28 -7.53 10.78
C ASN A 159 -13.59 -6.23 11.53
N LYS A 160 -12.57 -5.57 12.07
CA LYS A 160 -12.80 -4.34 12.84
C LYS A 160 -13.29 -3.20 11.96
N ILE A 161 -12.69 -3.03 10.78
CA ILE A 161 -13.16 -1.94 9.92
C ILE A 161 -14.60 -2.19 9.49
N THR A 162 -14.96 -3.45 9.25
CA THR A 162 -16.34 -3.81 8.91
C THR A 162 -17.27 -3.49 10.07
N ALA A 163 -16.89 -3.89 11.28
CA ALA A 163 -17.71 -3.61 12.46
C ALA A 163 -17.91 -2.11 12.64
N ILE A 164 -16.87 -1.32 12.35
CA ILE A 164 -17.01 0.14 12.46
C ILE A 164 -18.00 0.67 11.43
N LEU A 165 -17.89 0.20 10.17
CA LEU A 165 -18.80 0.72 9.16
C LEU A 165 -20.20 0.12 9.22
N LEU A 166 -20.44 -0.87 10.07
CA LEU A 166 -21.81 -1.33 10.31
C LEU A 166 -22.39 -0.82 11.62
N GLU A 167 -21.55 -0.28 12.51
CA GLU A 167 -22.07 0.38 13.71
C GLU A 167 -22.56 1.79 13.39
N GLU A 168 -22.28 2.29 12.19
CA GLU A 168 -22.90 3.47 11.65
C GLU A 168 -23.77 3.09 10.45
N GLY A 169 -24.74 3.95 10.16
CA GLY A 169 -25.62 3.75 9.02
C GLY A 169 -25.19 4.48 7.76
N ASN A 170 -24.02 5.12 7.76
CA ASN A 170 -23.62 5.95 6.63
C ASN A 170 -23.28 5.11 5.42
N THR A 171 -22.45 4.08 5.59
CA THR A 171 -22.05 3.28 4.44
C THR A 171 -23.06 2.15 4.24
N PRO A 172 -23.53 1.92 3.01
CA PRO A 172 -24.46 0.82 2.78
C PRO A 172 -23.81 -0.51 3.10
N HIS A 173 -24.62 -1.43 3.61
CA HIS A 173 -24.29 -2.84 3.82
C HIS A 173 -23.48 -3.54 2.73
N HIS A 174 -24.05 -3.65 1.53
CA HIS A 174 -23.51 -4.52 0.49
C HIS A 174 -22.15 -4.07 -0.01
N VAL A 175 -21.84 -2.77 0.11
CA VAL A 175 -20.53 -2.29 -0.27
C VAL A 175 -19.52 -2.46 0.86
N VAL A 176 -19.98 -2.46 2.12
CA VAL A 176 -19.09 -2.85 3.21
C VAL A 176 -18.64 -4.29 3.03
N TYR A 177 -19.55 -5.16 2.56
CA TYR A 177 -19.17 -6.53 2.26
C TYR A 177 -18.05 -6.59 1.22
N ASN A 178 -18.21 -5.85 0.12
CA ASN A 178 -17.18 -5.80 -0.91
C ASN A 178 -15.86 -5.25 -0.37
N LEU A 179 -15.94 -4.23 0.49
CA LEU A 179 -14.75 -3.65 1.09
C LEU A 179 -13.98 -4.69 1.91
N ARG A 180 -14.70 -5.42 2.76
CA ARG A 180 -14.06 -6.47 3.55
C ARG A 180 -13.39 -7.51 2.65
N ARG A 181 -14.11 -7.96 1.62
CA ARG A 181 -13.52 -8.92 0.69
C ARG A 181 -12.28 -8.36 0.02
N ARG A 182 -12.32 -7.08 -0.36
CA ARG A 182 -11.18 -6.43 -1.00
C ARG A 182 -9.96 -6.46 -0.07
N THR A 183 -10.16 -6.08 1.20
CA THR A 183 -9.04 -6.05 2.13
C THR A 183 -8.43 -7.44 2.34
N SER A 184 -9.28 -8.43 2.64
CA SER A 184 -8.76 -9.77 2.91
C SER A 184 -8.12 -10.37 1.66
N ASN A 185 -8.66 -10.07 0.48
CA ASN A 185 -8.05 -10.53 -0.75
C ASN A 185 -6.68 -9.89 -0.97
N ALA A 186 -6.53 -8.61 -0.62
CA ALA A 186 -5.22 -7.97 -0.71
C ALA A 186 -4.21 -8.69 0.17
N ILE A 187 -4.60 -9.00 1.41
CA ILE A 187 -3.66 -9.69 2.31
C ILE A 187 -3.31 -11.07 1.77
N SER A 188 -4.30 -11.81 1.29
CA SER A 188 -4.05 -13.15 0.78
C SER A 188 -3.17 -13.13 -0.46
N ILE A 189 -3.36 -12.12 -1.32
CA ILE A 189 -2.53 -11.98 -2.50
C ILE A 189 -1.11 -11.61 -2.12
N ALA A 190 -0.93 -10.84 -1.06
CA ALA A 190 0.43 -10.57 -0.56
C ALA A 190 1.11 -11.87 -0.13
N PHE A 191 0.41 -12.70 0.64
CA PHE A 191 0.96 -14.00 1.01
C PHE A 191 1.29 -14.83 -0.23
N GLN A 192 0.40 -14.82 -1.22
CA GLN A 192 0.64 -15.58 -2.45
C GLN A 192 1.87 -15.08 -3.19
N ALA A 193 2.08 -13.76 -3.21
CA ALA A 193 3.25 -13.20 -3.88
C ALA A 193 4.55 -13.55 -3.14
N VAL A 194 4.54 -13.47 -1.81
CA VAL A 194 5.76 -13.85 -1.09
C VAL A 194 6.01 -15.34 -1.18
N LEU A 195 4.96 -16.15 -1.41
CA LEU A 195 5.16 -17.57 -1.67
C LEU A 195 5.68 -17.83 -3.08
N ILE A 196 5.23 -17.03 -4.06
CA ILE A 196 5.76 -17.12 -5.41
C ILE A 196 7.22 -16.70 -5.43
N LYS A 197 7.64 -15.87 -4.48
CA LYS A 197 9.09 -15.62 -4.35
C LYS A 197 9.90 -16.90 -4.02
N SER A 198 9.36 -18.12 -3.95
CA SER A 198 10.19 -19.31 -3.78
C SER A 198 10.86 -19.75 -5.08
N LYS A 199 10.38 -19.26 -6.23
CA LYS A 199 10.98 -19.54 -7.53
C LYS A 199 11.58 -18.27 -8.10
N CYS A 200 12.59 -18.43 -8.94
CA CYS A 200 13.27 -17.28 -9.54
C CYS A 200 12.94 -17.09 -11.02
N GLY A 201 11.82 -17.62 -11.48
CA GLY A 201 11.41 -17.45 -12.85
C GLY A 201 11.85 -18.60 -13.74
N SER A 202 11.08 -18.82 -14.80
CA SER A 202 11.38 -19.90 -15.74
C SER A 202 11.50 -19.37 -17.17
N ILE A 204 12.28 -12.37 -14.32
CA ILE A 204 13.26 -12.30 -15.40
C ILE A 204 12.98 -11.08 -16.27
N THR A 205 11.85 -11.11 -16.99
CA THR A 205 11.48 -9.99 -17.84
C THR A 205 11.13 -8.79 -16.99
N SER A 206 11.43 -7.59 -17.50
CA SER A 206 11.27 -6.35 -16.76
C SER A 206 9.83 -5.85 -16.72
N HIS A 207 8.85 -6.71 -17.01
CA HIS A 207 7.44 -6.39 -16.82
C HIS A 207 6.78 -7.34 -15.83
N GLU A 208 7.14 -8.61 -15.88
CA GLU A 208 6.87 -9.51 -14.76
C GLU A 208 7.40 -8.92 -13.46
N MET A 209 8.58 -8.30 -13.53
CA MET A 209 9.18 -7.66 -12.36
C MET A 209 8.25 -6.61 -11.76
N LEU A 210 7.73 -5.71 -12.60
CA LEU A 210 6.80 -4.69 -12.11
C LEU A 210 5.58 -5.34 -11.47
N TRP A 211 5.03 -6.35 -12.14
CA TRP A 211 3.80 -7.00 -11.68
C TRP A 211 4.00 -7.62 -10.31
N ARG A 212 5.19 -8.18 -10.05
CA ARG A 212 5.43 -8.80 -8.75
C ARG A 212 5.74 -7.73 -7.70
N ARG A 213 6.60 -6.77 -8.04
CA ARG A 213 7.03 -5.77 -7.08
C ARG A 213 5.86 -4.91 -6.61
N VAL A 214 4.83 -4.78 -7.45
CA VAL A 214 3.64 -4.05 -6.99
C VAL A 214 2.93 -4.81 -5.87
N PHE A 215 2.79 -6.13 -6.03
CA PHE A 215 2.09 -6.95 -5.05
C PHE A 215 2.94 -7.30 -3.84
N ASP A 216 4.23 -6.96 -3.84
CA ASP A 216 5.13 -7.36 -2.78
C ASP A 216 5.03 -6.51 -1.51
N GLY A 217 4.05 -5.62 -1.36
CA GLY A 217 4.14 -4.65 -0.29
C GLY A 217 2.91 -4.34 0.57
N LEU A 218 1.70 -4.61 0.05
CA LEU A 218 0.45 -4.22 0.71
C LEU A 218 0.34 -2.71 0.88
N VAL A 219 0.53 -1.99 -0.23
CA VAL A 219 0.36 -0.54 -0.22
C VAL A 219 -1.09 -0.16 -0.50
N ILE A 220 -1.84 -1.05 -1.17
CA ILE A 220 -3.26 -0.84 -1.40
C ILE A 220 -3.99 -0.64 -0.07
N LEU A 221 -3.65 -1.46 0.92
CA LEU A 221 -4.26 -1.30 2.25
C LEU A 221 -3.96 0.08 2.83
N PHE A 222 -2.79 0.65 2.51
CA PHE A 222 -2.46 1.98 3.00
C PHE A 222 -3.29 3.04 2.28
N TYR A 223 -3.50 2.89 0.96
CA TYR A 223 -4.39 3.81 0.26
C TYR A 223 -5.83 3.73 0.77
N GLN A 224 -6.27 2.56 1.24
CA GLN A 224 -7.65 2.48 1.74
C GLN A 224 -7.88 3.26 3.03
N PHE A 225 -6.82 3.64 3.74
CA PHE A 225 -6.97 4.44 4.95
C PHE A 225 -7.67 5.76 4.65
N GLY A 226 -7.21 6.46 3.61
CA GLY A 226 -7.84 7.73 3.24
C GLY A 226 -9.27 7.57 2.79
N GLU A 227 -9.57 6.48 2.08
CA GLU A 227 -10.95 6.18 1.72
C GLU A 227 -11.81 6.03 2.97
N LEU A 228 -11.37 5.22 3.93
CA LEU A 228 -12.18 4.93 5.10
C LEU A 228 -12.36 6.16 5.98
N ILE A 229 -11.26 6.86 6.27
CA ILE A 229 -11.33 7.97 7.20
C ILE A 229 -12.10 9.15 6.61
N SER A 230 -12.30 9.20 5.29
CA SER A 230 -13.05 10.27 4.67
C SER A 230 -14.49 9.88 4.36
N GLY A 231 -14.91 8.67 4.69
CA GLY A 231 -16.28 8.24 4.45
C GLY A 231 -16.68 8.15 2.99
N ALA A 232 -15.76 7.71 2.13
CA ALA A 232 -16.02 7.62 0.70
C ALA A 232 -16.07 6.16 0.22
N THR A 233 -16.37 5.22 1.11
CA THR A 233 -16.40 3.81 0.74
C THR A 233 -17.44 3.54 -0.35
N GLU A 234 -18.57 4.23 -0.28
CA GLU A 234 -19.63 4.02 -1.27
C GLU A 234 -19.26 4.61 -2.63
N THR A 235 -18.67 5.80 -2.65
CA THR A 235 -18.30 6.43 -3.90
C THR A 235 -17.04 5.84 -4.50
N ALA A 236 -16.21 5.15 -3.71
CA ALA A 236 -15.12 4.38 -4.25
C ALA A 236 -15.56 3.01 -4.74
N GLN A 237 -16.71 2.54 -4.27
CA GLN A 237 -17.29 1.29 -4.76
C GLN A 237 -18.18 1.51 -5.96
N GLN A 238 -18.60 2.76 -6.21
CA GLN A 238 -19.23 3.12 -7.47
C GLN A 238 -18.21 3.27 -8.58
N HIS A 239 -16.94 3.39 -8.23
CA HIS A 239 -15.84 3.61 -9.15
C HIS A 239 -14.66 2.75 -8.75
N ILE A 240 -14.88 1.44 -8.61
CA ILE A 240 -13.80 0.57 -8.14
C ILE A 240 -12.68 0.52 -9.18
N THR A 241 -13.02 0.40 -10.45
CA THR A 241 -12.06 0.63 -11.51
C THR A 241 -11.62 2.10 -11.50
N VAL A 242 -10.52 2.37 -12.18
CA VAL A 242 -9.87 3.68 -12.21
C VAL A 242 -9.26 4.00 -10.86
N VAL A 243 -10.04 3.87 -9.79
CA VAL A 243 -9.47 4.02 -8.45
C VAL A 243 -8.46 2.92 -8.17
N THR A 244 -8.81 1.68 -8.51
CA THR A 244 -7.87 0.57 -8.32
C THR A 244 -6.65 0.74 -9.21
N GLU A 245 -6.84 1.25 -10.43
CA GLU A 245 -5.71 1.46 -11.33
C GLU A 245 -4.78 2.55 -10.82
N LEU A 246 -5.35 3.64 -10.29
CA LEU A 246 -4.55 4.71 -9.71
C LEU A 246 -3.79 4.22 -8.49
N ARG A 247 -4.44 3.39 -7.67
CA ARG A 247 -3.76 2.81 -6.51
C ARG A 247 -2.65 1.85 -6.93
N MET A 248 -2.84 1.12 -8.03
CA MET A 248 -1.77 0.28 -8.56
C MET A 248 -0.59 1.11 -9.04
N LEU A 249 -0.87 2.20 -9.75
CA LEU A 249 0.19 3.12 -10.16
C LEU A 249 0.92 3.69 -8.95
N GLY A 250 0.18 4.00 -7.89
CA GLY A 250 0.82 4.49 -6.67
C GLY A 250 1.67 3.44 -6.00
N CYS A 251 1.22 2.18 -6.02
CA CYS A 251 2.02 1.08 -5.50
C CYS A 251 3.33 0.94 -6.28
N LEU A 252 3.24 1.01 -7.60
CA LEU A 252 4.45 0.98 -8.44
C LEU A 252 5.38 2.12 -8.09
N TYR A 253 4.83 3.31 -7.87
CA TYR A 253 5.61 4.47 -7.48
C TYR A 253 6.36 4.22 -6.18
N CYS A 254 5.61 3.80 -5.15
CA CYS A 254 6.19 3.49 -3.84
C CYS A 254 7.27 2.42 -3.93
N ILE A 255 7.04 1.39 -4.76
CA ILE A 255 8.01 0.31 -4.82
C ILE A 255 9.25 0.71 -5.62
N VAL A 256 9.11 1.57 -6.63
CA VAL A 256 10.30 2.12 -7.29
C VAL A 256 11.15 2.86 -6.27
N ILE A 257 10.52 3.74 -5.48
CA ILE A 257 11.28 4.51 -4.50
C ILE A 257 11.88 3.58 -3.44
N ASN A 258 11.16 2.52 -3.06
CA ASN A 258 11.70 1.57 -2.09
C ASN A 258 12.92 0.85 -2.62
N ASP A 259 12.82 0.33 -3.85
CA ASP A 259 13.93 -0.40 -4.44
C ASP A 259 15.15 0.49 -4.65
N LEU A 260 14.94 1.79 -4.85
CA LEU A 260 16.08 2.69 -4.99
C LEU A 260 16.66 3.12 -3.64
N TYR A 261 15.84 3.19 -2.58
CA TYR A 261 16.40 3.50 -1.27
C TYR A 261 17.12 2.32 -0.64
N SER A 262 16.58 1.12 -0.79
CA SER A 262 17.13 -0.08 -0.16
C SER A 262 18.34 -0.66 -0.90
N TYR A 263 18.62 -0.21 -2.13
CA TYR A 263 19.84 -0.67 -2.80
C TYR A 263 21.07 0.09 -2.33
N GLN A 264 20.89 1.22 -1.65
CA GLN A 264 21.98 2.02 -1.09
C GLN A 264 22.17 1.76 0.41
N ARG A 265 21.76 0.59 0.90
CA ARG A 265 21.89 0.24 2.30
C ARG A 265 22.93 -0.85 2.49
N ASP A 266 23.40 -0.97 3.74
CA ASP A 266 24.31 -2.07 4.09
C ASP A 266 23.61 -3.41 3.94
N LYS A 267 22.34 -3.48 4.33
CA LYS A 267 21.57 -4.71 4.19
C LYS A 267 21.44 -5.09 2.72
N LEU A 268 21.84 -6.32 2.39
CA LEU A 268 21.66 -6.85 1.04
C LEU A 268 20.20 -6.72 0.61
N ALA A 269 20.00 -6.16 -0.58
CA ALA A 269 18.64 -5.99 -1.08
C ALA A 269 17.97 -7.33 -1.31
N SER A 270 18.71 -8.31 -1.81
CA SER A 270 18.23 -9.67 -2.09
C SER A 270 17.00 -9.53 -3.00
N SER A 271 15.98 -10.38 -2.85
CA SER A 271 14.71 -10.18 -3.54
C SER A 271 14.81 -10.03 -5.06
N ASP A 272 13.83 -9.35 -5.65
CA ASP A 272 13.86 -9.04 -7.08
C ASP A 272 13.99 -7.53 -7.26
N ASN A 273 14.93 -6.93 -6.53
CA ASN A 273 15.16 -5.50 -6.60
C ASN A 273 15.48 -5.09 -8.02
N MET A 274 14.72 -4.11 -8.54
CA MET A 274 14.75 -3.81 -9.97
C MET A 274 16.13 -3.28 -10.40
N ILE A 275 16.79 -2.53 -9.53
CA ILE A 275 18.12 -2.01 -9.85
C ILE A 275 19.10 -3.15 -10.06
N LYS A 276 19.01 -4.18 -9.21
CA LYS A 276 19.83 -5.36 -9.37
C LYS A 276 19.60 -6.00 -10.72
N THR A 277 18.33 -6.16 -11.11
CA THR A 277 18.00 -6.78 -12.39
C THR A 277 18.55 -5.97 -13.56
N TRP A 278 18.39 -4.65 -13.50
CA TRP A 278 18.94 -3.80 -14.56
C TRP A 278 20.46 -3.92 -14.63
N LEU A 279 21.13 -3.73 -13.50
CA LEU A 279 22.58 -3.72 -13.46
C LEU A 279 23.18 -5.06 -13.84
N LEU A 280 22.43 -6.16 -13.67
CA LEU A 280 22.91 -7.44 -14.16
C LEU A 280 23.12 -7.43 -15.67
N GLU A 281 22.33 -6.63 -16.39
CA GLU A 281 22.27 -6.75 -17.84
C GLU A 281 22.38 -5.42 -18.57
N LYS A 282 21.58 -4.44 -18.15
CA LYS A 282 21.20 -3.32 -19.00
C LYS A 282 21.47 -1.97 -18.34
N THR A 283 22.59 -1.85 -17.64
CA THR A 283 22.98 -0.57 -17.06
C THR A 283 24.51 -0.47 -17.08
N VAL A 284 24.99 0.75 -17.31
CA VAL A 284 26.40 1.01 -17.59
C VAL A 284 27.07 1.31 -16.27
N SER A 285 27.10 2.60 -15.91
CA SER A 285 27.39 3.03 -14.56
C SER A 285 26.12 2.90 -13.73
N SER A 286 26.27 2.40 -12.49
CA SER A 286 25.13 1.92 -11.71
C SER A 286 24.20 3.05 -11.29
N LEU A 287 24.60 3.78 -10.26
CA LEU A 287 23.67 4.65 -9.54
C LEU A 287 23.15 5.78 -10.40
N SER A 288 24.04 6.43 -11.17
CA SER A 288 23.64 7.62 -11.91
C SER A 288 22.59 7.29 -12.97
N GLU A 289 22.67 6.12 -13.58
CA GLU A 289 21.72 5.73 -14.62
C GLU A 289 20.47 5.07 -14.04
N ALA A 290 20.63 4.27 -12.98
CA ALA A 290 19.46 3.68 -12.33
C ALA A 290 18.57 4.76 -11.74
N THR A 291 19.18 5.82 -11.22
CA THR A 291 18.42 6.91 -10.65
C THR A 291 17.64 7.65 -11.73
N ALA A 292 18.24 7.84 -12.91
CA ALA A 292 17.53 8.53 -13.97
C ALA A 292 16.40 7.67 -14.53
N ARG A 293 16.61 6.36 -14.63
CA ARG A 293 15.52 5.47 -15.05
C ARG A 293 14.36 5.55 -14.06
N CYS A 294 14.68 5.48 -12.76
CA CYS A 294 13.64 5.59 -11.74
C CYS A 294 12.94 6.94 -11.79
N SER A 295 13.70 8.02 -12.04
CA SER A 295 13.09 9.34 -12.14
C SER A 295 12.13 9.43 -13.32
N GLN A 296 12.54 8.86 -14.46
CA GLN A 296 11.65 8.83 -15.61
C GLN A 296 10.37 8.06 -15.29
N ILE A 297 10.49 6.90 -14.66
CA ILE A 297 9.31 6.10 -14.34
C ILE A 297 8.39 6.85 -13.37
N LEU A 298 8.97 7.49 -12.35
CA LEU A 298 8.16 8.22 -11.37
C LEU A 298 7.45 9.40 -12.01
N ASP A 299 8.17 10.16 -12.85
CA ASP A 299 7.55 11.29 -13.54
C ASP A 299 6.44 10.82 -14.47
N ALA A 300 6.65 9.71 -15.18
CA ALA A 300 5.61 9.17 -16.06
C ALA A 300 4.39 8.73 -15.28
N ILE A 301 4.59 8.13 -14.11
CA ILE A 301 3.46 7.75 -13.25
C ILE A 301 2.69 8.99 -12.81
N MET A 302 3.40 10.05 -12.41
CA MET A 302 2.72 11.29 -12.05
C MET A 302 1.90 11.84 -13.21
N LYS A 303 2.47 11.86 -14.41
CA LYS A 303 1.76 12.43 -15.56
C LYS A 303 0.54 11.60 -15.93
N TYR A 304 0.69 10.27 -15.96
CA TYR A 304 -0.44 9.41 -16.26
C TYR A 304 -1.53 9.54 -15.20
N MET A 305 -1.15 9.67 -13.93
CA MET A 305 -2.14 9.82 -12.88
C MET A 305 -2.91 11.14 -13.05
N TYR A 306 -2.18 12.23 -13.30
CA TYR A 306 -2.83 13.51 -13.57
C TYR A 306 -3.81 13.41 -14.72
N GLN A 307 -3.39 12.85 -15.85
CA GLN A 307 -4.26 12.78 -17.02
C GLN A 307 -5.47 11.90 -16.77
N ARG A 308 -5.28 10.75 -16.12
CA ARG A 308 -6.40 9.85 -15.85
C ARG A 308 -7.41 10.51 -14.92
N VAL A 309 -6.95 11.18 -13.86
CA VAL A 309 -7.87 11.81 -12.92
C VAL A 309 -8.62 12.95 -13.60
N GLU A 310 -7.87 13.82 -14.30
CA GLU A 310 -8.46 14.97 -14.96
C GLU A 310 -9.18 14.60 -16.25
N GLN A 311 -9.27 13.31 -16.58
CA GLN A 311 -10.23 12.87 -17.58
C GLN A 311 -11.47 12.28 -16.94
N CYS A 312 -11.28 11.39 -15.96
CA CYS A 312 -12.43 10.75 -15.32
C CYS A 312 -13.30 11.76 -14.58
N MET A 313 -12.72 12.90 -14.19
CA MET A 313 -13.54 13.95 -13.62
C MET A 313 -14.32 14.69 -14.70
N GLN A 314 -13.72 14.87 -15.88
CA GLN A 314 -14.40 15.61 -16.95
C GLN A 314 -15.48 14.76 -17.61
N SER A 315 -15.35 13.44 -17.59
CA SER A 315 -16.35 12.55 -18.14
C SER A 315 -17.37 12.08 -17.11
N ASN A 316 -17.13 12.35 -15.82
CA ASN A 316 -18.10 12.11 -14.76
C ASN A 316 -18.36 13.40 -14.00
N PRO A 317 -18.95 14.40 -14.65
CA PRO A 317 -19.12 15.71 -14.01
C PRO A 317 -20.22 15.69 -12.97
N GLY A 318 -20.16 16.69 -12.08
CA GLY A 318 -21.13 16.79 -11.01
C GLY A 318 -20.99 15.75 -9.94
N CYS A 319 -19.76 15.31 -9.65
CA CYS A 319 -19.49 14.29 -8.64
C CYS A 319 -18.38 14.81 -7.74
N PRO A 320 -18.73 15.66 -6.76
CA PRO A 320 -17.67 16.23 -5.89
C PRO A 320 -17.04 15.21 -4.98
N GLN A 321 -17.83 14.24 -4.50
CA GLN A 321 -17.30 13.16 -3.66
C GLN A 321 -16.17 12.41 -4.38
N LEU A 322 -16.41 12.10 -5.66
CA LEU A 322 -15.37 11.47 -6.47
C LEU A 322 -14.14 12.36 -6.58
N GLU A 323 -14.34 13.67 -6.75
CA GLU A 323 -13.21 14.59 -6.87
C GLU A 323 -12.34 14.54 -5.62
N SER A 324 -12.97 14.67 -4.44
CA SER A 324 -12.22 14.60 -3.19
C SER A 324 -11.52 13.26 -3.03
N LEU A 325 -12.18 12.16 -3.41
CA LEU A 325 -11.55 10.85 -3.31
C LEU A 325 -10.31 10.74 -4.20
N LEU A 326 -10.42 11.24 -5.43
CA LEU A 326 -9.28 11.20 -6.34
C LEU A 326 -8.14 12.08 -5.83
N GLU A 327 -8.47 13.24 -5.26
CA GLU A 327 -7.44 14.09 -4.68
C GLU A 327 -6.77 13.42 -3.50
N THR A 328 -7.53 12.65 -2.72
CA THR A 328 -6.92 11.90 -1.63
C THR A 328 -5.95 10.85 -2.16
N THR A 329 -6.33 10.15 -3.23
CA THR A 329 -5.42 9.17 -3.82
C THR A 329 -4.14 9.83 -4.33
N ILE A 330 -4.29 10.99 -4.99
CA ILE A 330 -3.13 11.75 -5.43
C ILE A 330 -2.23 12.11 -4.25
N TYR A 331 -2.84 12.61 -3.16
CA TYR A 331 -2.10 12.97 -1.96
C TYR A 331 -1.29 11.78 -1.45
N THR A 332 -1.92 10.61 -1.34
CA THR A 332 -1.24 9.45 -0.81
C THR A 332 -0.17 8.91 -1.76
N THR A 333 -0.30 9.14 -3.06
CA THR A 333 0.76 8.75 -3.99
C THR A 333 1.95 9.68 -3.88
N VAL A 334 1.70 10.97 -3.67
CA VAL A 334 2.80 11.92 -3.55
C VAL A 334 3.48 11.82 -2.18
N GLY A 335 2.75 11.39 -1.16
CA GLY A 335 3.30 11.30 0.18
C GLY A 335 4.44 10.33 0.35
N TRP A 336 4.68 9.44 -0.62
CA TRP A 336 5.77 8.47 -0.47
C TRP A 336 7.14 9.14 -0.60
N ILE A 337 7.23 10.20 -1.42
CA ILE A 337 8.44 11.03 -1.45
C ILE A 337 8.74 11.57 -0.07
N ARG A 338 7.78 12.28 0.52
CA ARG A 338 7.89 12.81 1.87
C ARG A 338 8.30 11.74 2.87
N SER A 339 7.65 10.57 2.78
CA SER A 339 7.93 9.48 3.72
C SER A 339 9.36 9.01 3.61
N HIS A 340 9.84 8.76 2.39
CA HIS A 340 11.20 8.27 2.23
C HIS A 340 12.23 9.34 2.57
N THR A 341 11.85 10.61 2.47
CA THR A 341 12.82 11.67 2.73
C THR A 341 12.97 11.96 4.22
N THR A 342 11.87 11.98 4.97
CA THR A 342 11.96 12.57 6.31
C THR A 342 11.44 11.73 7.46
N VAL A 343 10.43 10.89 7.25
CA VAL A 343 9.71 10.30 8.38
C VAL A 343 10.09 8.85 8.64
N VAL A 344 10.71 8.16 7.70
CA VAL A 344 11.15 6.78 7.92
C VAL A 344 12.61 6.80 8.35
N PRO A 345 13.14 5.78 9.03
CA PRO A 345 14.55 5.80 9.46
C PRO A 345 15.51 5.46 8.33
N ARG A 346 15.43 6.22 7.24
CA ARG A 346 16.35 6.12 6.12
C ARG A 346 17.09 7.45 5.93
N TYR A 347 17.61 7.98 7.03
CA TYR A 347 18.38 9.23 7.05
C TYR A 347 19.80 9.03 6.54
N SER A 348 19.94 8.25 5.46
CA SER A 348 21.26 7.84 5.01
C SER A 348 22.07 9.02 4.48
N GLU A 349 21.47 9.80 3.56
CA GLU A 349 22.10 10.96 2.92
C GLU A 349 23.26 10.55 2.01
N SER A 350 23.79 9.33 2.18
CA SER A 350 24.48 8.69 1.08
C SER A 350 23.48 8.17 0.06
N GLN A 351 22.27 7.84 0.51
CA GLN A 351 21.13 7.68 -0.37
C GLN A 351 20.85 9.00 -1.09
N LEU A 352 20.27 8.89 -2.28
CA LEU A 352 20.01 10.04 -3.13
C LEU A 352 19.27 11.14 -2.37
N LYS A 353 19.77 12.36 -2.49
CA LYS A 353 19.10 13.53 -1.93
C LYS A 353 18.13 14.05 -2.98
N VAL A 354 16.83 13.97 -2.67
CA VAL A 354 15.80 14.25 -3.66
C VAL A 354 15.78 15.73 -3.99
N ALA A 355 15.37 16.04 -5.22
CA ALA A 355 15.06 17.40 -5.66
C ALA A 355 13.65 17.35 -6.21
N LEU A 356 12.67 17.72 -5.39
CA LEU A 356 11.27 17.65 -5.78
C LEU A 356 10.87 18.98 -6.43
N VAL A 357 10.75 18.96 -7.74
CA VAL A 357 10.44 20.16 -8.52
C VAL A 357 8.93 20.34 -8.56
N GLU A 358 8.48 21.58 -8.42
CA GLU A 358 7.05 21.92 -8.42
C GLU A 358 6.67 22.45 -9.79
N VAL A 359 5.85 21.70 -10.50
CA VAL A 359 5.42 22.08 -11.85
C VAL A 359 4.25 23.05 -11.72
N GLU A 360 4.47 24.29 -12.13
CA GLU A 360 3.43 25.30 -12.02
C GLU A 360 2.48 25.23 -13.23
N GLU A 361 1.40 25.99 -13.14
CA GLU A 361 0.30 25.83 -14.10
C GLU A 361 0.72 26.18 -15.52
N ARG A 362 1.43 27.30 -15.70
CA ARG A 362 1.88 27.66 -17.05
C ARG A 362 2.79 26.58 -17.64
N GLU A 363 3.42 25.79 -16.79
CA GLU A 363 4.31 24.71 -17.22
C GLU A 363 3.59 23.37 -17.37
N LEU A 364 2.40 23.24 -16.79
CA LEU A 364 1.72 21.94 -16.78
C LEU A 364 1.39 21.43 -18.19
N PRO A 365 0.87 22.23 -19.12
CA PRO A 365 0.71 21.71 -20.49
C PRO A 365 2.03 21.26 -21.12
N LYS A 366 3.10 22.03 -20.91
CA LYS A 366 4.41 21.62 -21.41
C LYS A 366 4.83 20.29 -20.78
N TRP A 367 4.65 20.16 -19.48
CA TRP A 367 5.15 19.01 -18.74
C TRP A 367 4.36 17.74 -19.04
N LEU A 368 3.07 17.87 -19.34
CA LEU A 368 2.28 16.72 -19.76
C LEU A 368 2.51 16.34 -21.22
N ALA A 369 3.20 17.19 -21.98
CA ALA A 369 3.64 16.86 -23.33
C ALA A 369 5.14 16.66 -23.43
N GLU A 370 5.85 16.65 -22.29
CA GLU A 370 7.27 16.38 -22.28
C GLU A 370 7.48 14.88 -22.09
N LYS A 371 6.55 14.07 -22.61
CA LYS A 371 6.54 12.63 -22.37
C LYS A 371 7.23 11.94 -23.55
N ASP A 372 8.56 11.81 -23.47
CA ASP A 372 9.35 11.18 -24.53
C ASP A 372 10.46 10.37 -23.87
N GLU A 373 10.06 9.36 -23.08
CA GLU A 373 10.98 8.72 -22.15
C GLU A 373 10.69 7.23 -22.08
N TYR A 374 11.58 6.50 -21.39
CA TYR A 374 11.39 5.06 -21.21
C TYR A 374 10.33 4.76 -20.16
N GLY A 375 10.18 5.65 -19.18
CA GLY A 375 9.11 5.50 -18.21
C GLY A 375 7.74 5.50 -18.85
N TRP A 376 7.58 6.20 -19.98
CA TRP A 376 6.33 6.17 -20.72
C TRP A 376 5.99 4.74 -21.14
N ASN A 377 6.93 4.07 -21.80
CA ASN A 377 6.74 2.67 -22.20
C ASN A 377 6.50 1.78 -21.00
N VAL A 378 7.28 1.99 -19.94
CA VAL A 378 7.15 1.17 -18.73
C VAL A 378 5.73 1.25 -18.19
N VAL A 379 5.23 2.46 -17.98
CA VAL A 379 3.91 2.63 -17.37
C VAL A 379 2.81 2.20 -18.33
N GLU A 380 2.98 2.46 -19.64
CA GLU A 380 1.97 2.04 -20.60
C GLU A 380 1.82 0.53 -20.60
N LYS A 381 2.94 -0.19 -20.67
CA LYS A 381 2.89 -1.65 -20.67
C LYS A 381 2.46 -2.20 -19.32
N PHE A 382 2.78 -1.50 -18.23
CA PHE A 382 2.25 -1.87 -16.93
C PHE A 382 0.73 -1.78 -16.90
N VAL A 383 0.17 -0.72 -17.49
CA VAL A 383 -1.28 -0.58 -17.54
C VAL A 383 -1.89 -1.66 -18.40
N GLU A 384 -1.21 -2.05 -19.49
CA GLU A 384 -1.76 -3.11 -20.33
C GLU A 384 -1.75 -4.46 -19.63
N THR A 385 -0.61 -4.84 -19.03
CA THR A 385 -0.61 -6.09 -18.27
C THR A 385 -1.54 -6.02 -17.06
N LEU A 386 -1.87 -4.81 -16.60
CA LEU A 386 -2.86 -4.66 -15.54
C LEU A 386 -4.25 -5.02 -16.04
N ASN A 387 -4.64 -4.46 -17.18
CA ASN A 387 -5.94 -4.72 -17.79
C ASN A 387 -5.93 -5.92 -18.73
N ASP A 388 -4.91 -6.76 -18.64
CA ASP A 388 -4.86 -7.99 -19.43
C ASP A 388 -5.95 -8.95 -18.95
N GLU A 389 -6.54 -9.68 -19.90
CA GLU A 389 -7.64 -10.58 -19.56
C GLU A 389 -7.13 -11.79 -18.77
N LYS A 390 -5.88 -12.17 -18.95
CA LYS A 390 -5.29 -13.19 -18.10
C LYS A 390 -5.33 -12.76 -16.64
N HIS A 391 -5.16 -11.45 -16.41
CA HIS A 391 -5.11 -10.89 -15.07
C HIS A 391 -6.43 -10.27 -14.66
N LYS A 392 -7.54 -10.76 -15.21
CA LYS A 392 -8.86 -10.25 -14.82
C LYS A 392 -9.24 -10.74 -13.43
N GLY A 393 -8.85 -11.97 -13.08
CA GLY A 393 -9.16 -12.48 -11.75
C GLY A 393 -8.47 -11.70 -10.65
N ILE A 394 -7.22 -11.31 -10.89
CA ILE A 394 -6.48 -10.49 -9.92
C ILE A 394 -7.16 -9.14 -9.77
N LEU A 395 -7.57 -8.53 -10.89
CA LEU A 395 -8.28 -7.26 -10.83
C LEU A 395 -9.56 -7.38 -10.00
N ASP A 396 -10.36 -8.40 -10.29
CA ASP A 396 -11.63 -8.56 -9.59
C ASP A 396 -11.43 -8.92 -8.13
N ALA A 397 -10.30 -9.54 -7.80
CA ALA A 397 -9.99 -9.83 -6.40
C ALA A 397 -9.50 -8.59 -5.66
N LEU A 398 -8.75 -7.72 -6.33
CA LEU A 398 -8.38 -6.44 -5.73
C LEU A 398 -9.52 -5.43 -5.78
N GLN A 399 -10.52 -5.66 -6.62
CA GLN A 399 -11.84 -5.08 -6.43
C GLN A 399 -12.56 -5.92 -5.38
N GLY A 400 -13.76 -5.50 -4.98
CA GLY A 400 -14.46 -6.26 -3.97
C GLY A 400 -15.47 -7.24 -4.53
N ILE A 401 -15.12 -7.96 -5.59
CA ILE A 401 -16.14 -8.68 -6.37
C ILE A 401 -15.71 -10.09 -6.75
N ALA A 402 -14.66 -10.62 -6.12
CA ALA A 402 -14.18 -11.95 -6.51
C ALA A 402 -13.39 -12.57 -5.36
N ASP A 403 -12.97 -13.82 -5.57
CA ASP A 403 -12.12 -14.56 -4.65
C ASP A 403 -10.67 -14.41 -5.08
N GLY A 404 -9.77 -14.37 -4.09
CA GLY A 404 -8.36 -14.15 -4.35
C GLY A 404 -7.61 -15.38 -4.82
N ARG A 405 -7.10 -15.32 -6.05
CA ARG A 405 -6.25 -16.37 -6.60
C ARG A 405 -5.19 -15.72 -7.47
N ASP A 406 -3.92 -15.95 -7.13
CA ASP A 406 -2.79 -15.30 -7.78
C ASP A 406 -1.76 -16.27 -8.32
N GLN A 407 -1.72 -17.50 -7.83
CA GLN A 407 -0.60 -18.39 -8.10
C GLN A 407 -0.63 -18.98 -9.51
N LEU A 408 -1.76 -18.90 -10.21
CA LEU A 408 -1.90 -19.50 -11.52
C LEU A 408 -1.52 -18.54 -12.66
N LEU A 409 -0.95 -17.37 -12.34
CA LEU A 409 -0.68 -16.36 -13.36
C LEU A 409 0.75 -15.83 -13.34
N LYS A 410 1.52 -16.08 -12.28
CA LYS A 410 2.94 -15.75 -12.25
C LYS A 410 3.82 -16.98 -12.15
N THR A 411 3.28 -18.13 -11.76
CA THR A 411 4.00 -19.40 -11.77
C THR A 411 3.51 -20.34 -12.85
N GLN A 412 2.19 -20.39 -13.09
CA GLN A 412 1.60 -21.14 -14.18
C GLN A 412 2.04 -22.61 -14.20
#